data_1UUF
#
_entry.id   1UUF
#
_cell.length_a   69.536
_cell.length_b   78.805
_cell.length_c   70.685
_cell.angle_alpha   90.00
_cell.angle_beta   109.60
_cell.angle_gamma   90.00
#
_symmetry.space_group_name_H-M   'C 1 2 1'
#
loop_
_entity.id
_entity.type
_entity.pdbx_description
1 polymer 'ZINC-TYPE ALCOHOL DEHYDROGENASE-LIKE PROTEIN YAHK'
2 non-polymer 'ZINC ION'
3 water water
#
_entity_poly.entity_id   1
_entity_poly.type   'polypeptide(L)'
_entity_poly.pdbx_seq_one_letter_code
;SYYHHHHHHLESTSLYKKAGLKIKAVGAYSAKQPLEPMDITRREPGPNDVKIEIAYCGVCHSDLHQVRSEWAGTVYPCVP
GHEIVGRVVAVGDQVEKYAPGDLVGVGCIVDSCKHCEECEDGLENYCDHMTGTYNSPTPDEPGHTLGGYSQQIVVHERYV
LRIRHPQEQLAAVAPLLCAGITTYSPLRHWQAGPGKKVGVVGIGGLGHMGIKLAHAMGAHVVAFTTSEAKREAAKALGAD
EVVNSRNADEMAAHLKSFDFILNTVAAPHNLDDFTTLLKRDGTMTLVGAPATPHKSPEVFNLIMKRRAIAGSMIGGIPET
QEMLDFCAEHGIVADIEMIRADQINEAYERMLRGDVKYRFVIDNRTLTD
;
_entity_poly.pdbx_strand_id   A
#
loop_
_chem_comp.id
_chem_comp.type
_chem_comp.name
_chem_comp.formula
ZN non-polymer 'ZINC ION' 'Zn 2'
#
# COMPACT_ATOMS: atom_id res chain seq x y z
N ILE A 23 0.77 13.00 23.10
CA ILE A 23 1.02 11.98 22.02
C ILE A 23 2.11 12.44 21.07
N LYS A 24 3.25 11.75 21.12
CA LYS A 24 4.37 12.09 20.26
C LYS A 24 4.20 11.61 18.84
N ALA A 25 4.77 12.36 17.91
CA ALA A 25 4.70 12.03 16.50
C ALA A 25 5.82 12.72 15.76
N VAL A 26 5.89 12.47 14.46
CA VAL A 26 6.90 13.07 13.60
C VAL A 26 6.17 13.61 12.37
N GLY A 27 6.37 14.88 12.07
CA GLY A 27 5.71 15.47 10.93
C GLY A 27 6.46 16.68 10.42
N ALA A 28 5.89 17.36 9.41
CA ALA A 28 6.52 18.53 8.82
C ALA A 28 5.63 19.77 8.97
N TYR A 29 6.26 20.94 9.03
CA TYR A 29 5.53 22.19 9.14
C TYR A 29 5.38 22.87 7.78
N SER A 30 6.25 22.52 6.84
CA SER A 30 6.20 23.07 5.48
C SER A 30 6.79 22.05 4.51
N ALA A 31 6.58 22.28 3.22
CA ALA A 31 7.08 21.37 2.19
C ALA A 31 8.60 21.28 2.14
N LYS A 32 9.27 22.35 2.56
CA LYS A 32 10.73 22.38 2.55
C LYS A 32 11.38 22.05 3.88
N GLN A 33 10.57 21.74 4.88
CA GLN A 33 11.09 21.40 6.20
C GLN A 33 11.11 19.90 6.43
N PRO A 34 12.26 19.37 6.85
CA PRO A 34 12.37 17.93 7.11
C PRO A 34 11.46 17.53 8.25
N LEU A 35 11.09 16.25 8.29
CA LEU A 35 10.22 15.77 9.37
C LEU A 35 10.93 15.95 10.70
N GLU A 36 10.19 16.37 11.71
CA GLU A 36 10.74 16.58 13.03
C GLU A 36 9.74 16.21 14.12
N PRO A 37 10.22 16.05 15.36
CA PRO A 37 9.33 15.70 16.48
C PRO A 37 8.28 16.77 16.75
N MET A 38 7.07 16.34 17.07
CA MET A 38 5.98 17.25 17.37
C MET A 38 4.90 16.53 18.16
N ASP A 39 4.23 17.26 19.04
CA ASP A 39 3.15 16.70 19.83
C ASP A 39 1.84 16.97 19.13
N ILE A 40 0.96 15.97 19.15
CA ILE A 40 -0.35 16.11 18.53
C ILE A 40 -1.40 15.61 19.50
N THR A 41 -2.66 15.81 19.14
CA THR A 41 -3.75 15.35 20.01
C THR A 41 -4.62 14.37 19.24
N ARG A 42 -5.36 13.54 19.97
CA ARG A 42 -6.27 12.56 19.40
C ARG A 42 -7.60 12.75 20.10
N ARG A 43 -8.69 12.50 19.37
CA ARG A 43 -10.02 12.63 19.96
C ARG A 43 -10.22 11.52 20.97
N GLU A 44 -11.13 11.72 21.91
CA GLU A 44 -11.44 10.70 22.89
C GLU A 44 -12.28 9.69 22.11
N PRO A 45 -12.07 8.39 22.36
CA PRO A 45 -12.84 7.35 21.66
C PRO A 45 -14.35 7.51 21.79
N GLY A 46 -15.03 7.54 20.65
CA GLY A 46 -16.48 7.65 20.64
C GLY A 46 -17.08 6.26 20.75
N PRO A 47 -18.41 6.14 20.77
CA PRO A 47 -19.05 4.82 20.87
C PRO A 47 -18.63 3.78 19.84
N ASN A 48 -18.28 4.21 18.63
CA ASN A 48 -17.86 3.29 17.58
C ASN A 48 -16.35 3.29 17.33
N ASP A 49 -15.61 4.03 18.16
CA ASP A 49 -14.16 4.15 17.99
C ASP A 49 -13.28 3.11 18.66
N VAL A 50 -12.11 2.91 18.06
CA VAL A 50 -11.11 1.98 18.57
C VAL A 50 -9.84 2.81 18.80
N LYS A 51 -9.33 2.77 20.03
CA LYS A 51 -8.11 3.51 20.38
C LYS A 51 -6.97 2.52 20.22
N ILE A 52 -6.01 2.87 19.37
CA ILE A 52 -4.89 2.00 19.06
C ILE A 52 -3.51 2.52 19.45
N GLU A 53 -2.72 1.69 20.13
CA GLU A 53 -1.37 2.03 20.50
C GLU A 53 -0.55 1.51 19.32
N ILE A 54 -0.03 2.42 18.51
CA ILE A 54 0.73 2.05 17.33
C ILE A 54 2.09 1.43 17.63
N ALA A 55 2.31 0.24 17.08
CA ALA A 55 3.58 -0.46 17.29
C ALA A 55 4.53 -0.16 16.15
N TYR A 56 4.02 -0.26 14.92
CA TYR A 56 4.84 0.00 13.73
C TYR A 56 4.07 0.70 12.63
N CYS A 57 4.78 1.41 11.78
CA CYS A 57 4.16 2.11 10.65
C CYS A 57 5.08 2.04 9.44
N GLY A 58 4.58 1.46 8.36
CA GLY A 58 5.37 1.36 7.15
C GLY A 58 5.52 2.72 6.49
N VAL A 59 6.61 2.91 5.76
CA VAL A 59 6.85 4.17 5.08
C VAL A 59 6.51 4.00 3.61
N CYS A 60 5.52 4.78 3.16
CA CYS A 60 5.02 4.71 1.79
C CYS A 60 5.46 5.92 0.98
N HIS A 61 5.59 5.75 -0.34
CA HIS A 61 5.98 6.87 -1.18
C HIS A 61 4.95 8.00 -1.09
N SER A 62 3.72 7.66 -0.75
CA SER A 62 2.70 8.70 -0.63
C SER A 62 3.01 9.62 0.54
N ASP A 63 3.72 9.10 1.55
CA ASP A 63 4.08 9.91 2.71
C ASP A 63 5.08 10.96 2.25
N LEU A 64 6.09 10.51 1.51
CA LEU A 64 7.13 11.36 0.99
C LEU A 64 6.53 12.45 0.11
N HIS A 65 5.71 12.04 -0.85
CA HIS A 65 5.05 12.97 -1.77
C HIS A 65 4.25 14.02 -1.01
N GLN A 66 3.48 13.58 -0.01
CA GLN A 66 2.66 14.48 0.78
C GLN A 66 3.45 15.59 1.47
N VAL A 67 4.58 15.24 2.08
CA VAL A 67 5.38 16.24 2.79
C VAL A 67 6.36 17.04 1.95
N ARG A 68 6.55 16.64 0.69
CA ARG A 68 7.47 17.36 -0.17
C ARG A 68 6.85 18.02 -1.39
N SER A 69 5.88 17.35 -2.01
CA SER A 69 5.24 17.89 -3.20
C SER A 69 4.57 19.23 -2.94
N GLU A 70 4.75 20.16 -3.87
CA GLU A 70 4.18 21.49 -3.76
C GLU A 70 2.68 21.45 -4.09
N TRP A 71 2.32 20.53 -4.97
CA TRP A 71 0.93 20.39 -5.40
C TRP A 71 0.27 19.11 -4.88
N ALA A 72 0.30 18.93 -3.57
CA ALA A 72 -0.31 17.77 -2.94
C ALA A 72 -1.47 18.22 -2.07
N GLY A 73 -1.77 19.52 -2.12
CA GLY A 73 -2.85 20.07 -1.32
C GLY A 73 -2.62 19.73 0.14
N THR A 74 -1.35 19.69 0.53
CA THR A 74 -0.98 19.38 1.90
C THR A 74 -1.29 20.47 2.90
N VAL A 75 -1.91 20.07 4.00
CA VAL A 75 -2.25 20.98 5.09
C VAL A 75 -1.27 20.69 6.21
N TYR A 76 -0.68 21.74 6.77
CA TYR A 76 0.29 21.55 7.85
C TYR A 76 -0.26 21.93 9.22
N PRO A 77 0.28 21.32 10.28
CA PRO A 77 1.35 20.32 10.19
C PRO A 77 0.90 19.04 9.50
N CYS A 78 1.84 18.37 8.84
CA CYS A 78 1.54 17.13 8.15
C CYS A 78 2.22 15.95 8.83
N VAL A 79 1.41 14.99 9.29
CA VAL A 79 1.94 13.79 9.94
C VAL A 79 1.51 12.62 9.05
N PRO A 80 2.42 12.14 8.21
CA PRO A 80 2.14 11.02 7.30
C PRO A 80 2.04 9.68 8.00
N GLY A 81 2.03 8.62 7.20
CA GLY A 81 1.96 7.27 7.72
C GLY A 81 0.58 6.64 7.63
N HIS A 82 0.46 5.59 6.83
CA HIS A 82 -0.83 4.91 6.73
C HIS A 82 -0.72 3.41 6.45
N GLU A 83 0.31 2.80 7.04
CA GLU A 83 0.55 1.36 6.98
C GLU A 83 0.79 1.09 8.45
N ILE A 84 -0.29 1.23 9.21
CA ILE A 84 -0.31 1.12 10.67
C ILE A 84 -0.74 -0.22 11.29
N VAL A 85 0.04 -0.68 12.27
CA VAL A 85 -0.31 -1.88 13.01
C VAL A 85 -0.05 -1.60 14.49
N GLY A 86 -0.89 -2.14 15.35
CA GLY A 86 -0.71 -1.91 16.77
C GLY A 86 -1.65 -2.75 17.60
N ARG A 87 -1.87 -2.33 18.85
CA ARG A 87 -2.75 -3.06 19.76
C ARG A 87 -3.86 -2.17 20.28
N VAL A 88 -5.06 -2.73 20.39
CA VAL A 88 -6.21 -1.98 20.88
C VAL A 88 -6.02 -1.67 22.36
N VAL A 89 -6.16 -0.40 22.71
CA VAL A 89 -6.01 0.05 24.09
C VAL A 89 -7.38 0.17 24.74
N ALA A 90 -8.35 0.65 23.97
CA ALA A 90 -9.71 0.80 24.46
C ALA A 90 -10.68 0.84 23.28
N VAL A 91 -11.96 0.63 23.57
CA VAL A 91 -12.99 0.64 22.54
C VAL A 91 -14.26 1.32 23.04
N GLY A 92 -15.00 1.92 22.12
CA GLY A 92 -16.24 2.58 22.49
C GLY A 92 -17.25 1.54 22.93
N ASP A 93 -18.32 1.96 23.59
CA ASP A 93 -19.33 1.03 24.07
C ASP A 93 -20.19 0.39 22.98
N GLN A 94 -20.05 0.88 21.74
CA GLN A 94 -20.82 0.32 20.63
C GLN A 94 -19.95 -0.55 19.72
N VAL A 95 -18.66 -0.62 20.00
CA VAL A 95 -17.76 -1.44 19.18
C VAL A 95 -18.07 -2.91 19.37
N GLU A 96 -18.21 -3.64 18.27
CA GLU A 96 -18.53 -5.05 18.33
C GLU A 96 -17.45 -5.97 17.77
N LYS A 97 -16.56 -5.40 16.95
CA LYS A 97 -15.51 -6.18 16.31
C LYS A 97 -14.24 -6.35 17.15
N TYR A 98 -13.91 -5.35 17.97
CA TYR A 98 -12.68 -5.40 18.74
C TYR A 98 -12.77 -5.27 20.25
N ALA A 99 -11.69 -5.69 20.90
CA ALA A 99 -11.57 -5.64 22.35
C ALA A 99 -10.12 -5.31 22.71
N PRO A 100 -9.90 -4.74 23.90
CA PRO A 100 -8.53 -4.40 24.31
C PRO A 100 -7.63 -5.62 24.18
N GLY A 101 -6.42 -5.40 23.68
CA GLY A 101 -5.48 -6.50 23.50
C GLY A 101 -5.38 -7.02 22.08
N ASP A 102 -6.41 -6.78 21.27
CA ASP A 102 -6.41 -7.23 19.88
C ASP A 102 -5.31 -6.59 19.04
N LEU A 103 -4.76 -7.37 18.12
CA LEU A 103 -3.74 -6.86 17.20
C LEU A 103 -4.55 -6.34 16.03
N VAL A 104 -4.36 -5.07 15.69
CA VAL A 104 -5.12 -4.46 14.61
C VAL A 104 -4.29 -3.64 13.65
N GLY A 105 -4.90 -3.27 12.53
CA GLY A 105 -4.22 -2.47 11.54
C GLY A 105 -5.13 -1.40 10.97
N VAL A 106 -4.52 -0.36 10.42
CA VAL A 106 -5.24 0.74 9.80
C VAL A 106 -4.49 1.06 8.52
N GLY A 107 -5.23 1.25 7.43
CA GLY A 107 -4.62 1.57 6.16
C GLY A 107 -4.75 3.04 5.79
N CYS A 108 -5.08 3.30 4.53
CA CYS A 108 -5.21 4.68 4.03
C CYS A 108 -6.54 5.35 4.32
N ILE A 109 -7.51 4.57 4.77
CA ILE A 109 -8.86 5.06 5.05
C ILE A 109 -9.24 5.04 6.52
N VAL A 110 -9.76 6.17 7.04
CA VAL A 110 -10.21 6.20 8.43
C VAL A 110 -11.71 6.49 8.51
N ASP A 111 -12.32 6.86 7.38
CA ASP A 111 -13.76 7.11 7.34
C ASP A 111 -14.25 7.30 5.90
N SER A 112 -15.56 7.18 5.72
CA SER A 112 -16.17 7.38 4.40
C SER A 112 -17.63 7.75 4.64
N CYS A 113 -18.36 8.12 3.59
CA CYS A 113 -19.75 8.53 3.77
C CYS A 113 -20.67 7.40 4.24
N LYS A 114 -20.33 6.16 3.88
CA LYS A 114 -21.08 4.98 4.27
C LYS A 114 -22.44 4.77 3.62
N HIS A 115 -22.84 5.65 2.72
CA HIS A 115 -24.16 5.46 2.10
C HIS A 115 -24.21 5.57 0.59
N CYS A 116 -23.05 5.75 -0.05
CA CYS A 116 -23.02 5.83 -1.51
C CYS A 116 -22.84 4.42 -2.08
N GLU A 117 -22.96 4.28 -3.39
CA GLU A 117 -22.83 2.98 -4.03
C GLU A 117 -21.49 2.31 -3.70
N GLU A 118 -20.41 3.08 -3.71
CA GLU A 118 -19.09 2.55 -3.42
C GLU A 118 -18.98 1.99 -2.00
N CYS A 119 -19.37 2.80 -1.01
CA CYS A 119 -19.31 2.36 0.38
C CYS A 119 -20.18 1.13 0.62
N GLU A 120 -21.37 1.12 0.03
CA GLU A 120 -22.28 -0.01 0.21
C GLU A 120 -21.76 -1.28 -0.47
N ASP A 121 -20.87 -1.11 -1.43
CA ASP A 121 -20.28 -2.26 -2.12
C ASP A 121 -18.96 -2.69 -1.49
N GLY A 122 -18.60 -2.07 -0.37
CA GLY A 122 -17.36 -2.42 0.29
C GLY A 122 -16.15 -1.80 -0.41
N LEU A 123 -16.39 -0.69 -1.11
CA LEU A 123 -15.33 0.00 -1.82
C LEU A 123 -15.18 1.43 -1.27
N GLU A 124 -15.00 1.53 0.04
CA GLU A 124 -14.85 2.84 0.68
C GLU A 124 -13.68 3.62 0.08
N ASN A 125 -12.73 2.91 -0.54
CA ASN A 125 -11.58 3.54 -1.15
C ASN A 125 -11.93 4.40 -2.37
N TYR A 126 -13.07 4.10 -2.99
CA TYR A 126 -13.51 4.84 -4.15
C TYR A 126 -14.63 5.84 -3.83
N CYS A 127 -14.90 6.01 -2.54
CA CYS A 127 -15.93 6.94 -2.09
C CYS A 127 -15.46 8.37 -2.42
N ASP A 128 -16.35 9.21 -2.92
CA ASP A 128 -15.98 10.59 -3.24
C ASP A 128 -15.68 11.40 -1.99
N HIS A 129 -16.13 10.92 -0.85
CA HIS A 129 -15.93 11.64 0.39
C HIS A 129 -15.17 10.81 1.41
N MET A 130 -14.24 10.00 0.92
CA MET A 130 -13.43 9.17 1.80
C MET A 130 -12.48 10.04 2.59
N THR A 131 -12.34 9.75 3.89
CA THR A 131 -11.44 10.49 4.75
C THR A 131 -10.13 9.72 4.84
N GLY A 132 -9.06 10.30 4.29
CA GLY A 132 -7.77 9.65 4.32
C GLY A 132 -7.14 9.70 5.70
N THR A 133 -6.31 8.70 5.99
CA THR A 133 -5.64 8.60 7.28
C THR A 133 -4.88 9.88 7.61
N TYR A 134 -4.41 10.58 6.58
CA TYR A 134 -3.75 11.86 6.79
C TYR A 134 -4.10 12.84 5.67
N ASN A 135 -4.17 14.12 6.04
CA ASN A 135 -4.45 15.24 5.13
C ASN A 135 -5.91 15.46 4.72
N SER A 136 -6.85 14.81 5.38
CA SER A 136 -8.26 14.99 5.04
C SER A 136 -9.00 15.78 6.12
N PRO A 137 -10.02 16.55 5.74
CA PRO A 137 -10.76 17.33 6.74
C PRO A 137 -11.46 16.43 7.75
N THR A 138 -11.46 16.87 9.01
CA THR A 138 -12.08 16.12 10.10
C THR A 138 -12.45 17.07 11.24
N PRO A 139 -13.48 16.73 12.03
CA PRO A 139 -13.86 17.60 13.15
C PRO A 139 -12.79 17.60 14.25
N ASP A 140 -11.97 16.55 14.26
CA ASP A 140 -10.90 16.43 15.24
C ASP A 140 -9.85 17.51 15.04
N GLU A 141 -9.32 18.02 16.14
CA GLU A 141 -8.28 19.05 16.05
C GLU A 141 -7.09 18.37 15.40
N PRO A 142 -6.32 19.10 14.58
CA PRO A 142 -6.44 20.51 14.23
C PRO A 142 -7.23 20.81 12.95
N GLY A 143 -8.17 19.94 12.59
CA GLY A 143 -8.96 20.18 11.39
C GLY A 143 -8.70 19.24 10.24
N HIS A 144 -7.56 18.55 10.27
CA HIS A 144 -7.22 17.58 9.23
C HIS A 144 -6.60 16.36 9.90
N THR A 145 -6.74 15.21 9.26
CA THR A 145 -6.22 13.97 9.83
C THR A 145 -4.71 13.88 9.93
N LEU A 146 -4.24 13.33 11.05
CA LEU A 146 -2.81 13.13 11.30
C LEU A 146 -2.58 11.62 11.27
N GLY A 147 -1.59 11.20 10.50
CA GLY A 147 -1.29 9.79 10.32
C GLY A 147 -0.61 8.92 11.36
N GLY A 148 -0.05 7.82 10.88
CA GLY A 148 0.61 6.84 11.73
C GLY A 148 2.02 7.08 12.24
N TYR A 149 2.64 8.20 11.89
CA TYR A 149 3.98 8.50 12.41
C TYR A 149 3.72 9.06 13.80
N SER A 150 2.99 8.31 14.60
CA SER A 150 2.62 8.75 15.95
C SER A 150 2.47 7.56 16.90
N GLN A 151 2.28 7.87 18.18
CA GLN A 151 2.14 6.84 19.20
C GLN A 151 0.76 6.19 19.27
N GLN A 152 -0.27 6.96 18.95
CA GLN A 152 -1.65 6.47 19.01
C GLN A 152 -2.53 7.04 17.91
N ILE A 153 -3.62 6.34 17.63
CA ILE A 153 -4.59 6.80 16.63
C ILE A 153 -5.94 6.26 17.05
N VAL A 154 -7.01 6.99 16.75
CA VAL A 154 -8.37 6.59 17.10
C VAL A 154 -9.16 6.51 15.81
N VAL A 155 -9.71 5.33 15.53
CA VAL A 155 -10.44 5.10 14.29
C VAL A 155 -11.76 4.37 14.49
N HIS A 156 -12.76 4.76 13.70
CA HIS A 156 -14.09 4.13 13.73
C HIS A 156 -13.83 2.66 13.41
N GLU A 157 -14.42 1.73 14.18
CA GLU A 157 -14.16 0.31 13.97
C GLU A 157 -14.41 -0.23 12.57
N ARG A 158 -15.24 0.43 11.78
CA ARG A 158 -15.51 -0.05 10.42
C ARG A 158 -14.24 -0.03 9.58
N TYR A 159 -13.30 0.83 9.94
CA TYR A 159 -12.07 0.96 9.18
C TYR A 159 -10.84 0.37 9.84
N VAL A 160 -11.04 -0.37 10.91
CA VAL A 160 -9.94 -1.00 11.62
C VAL A 160 -9.93 -2.47 11.21
N LEU A 161 -8.75 -2.99 10.90
CA LEU A 161 -8.59 -4.38 10.46
C LEU A 161 -8.03 -5.26 11.57
N ARG A 162 -8.34 -6.55 11.53
CA ARG A 162 -7.84 -7.49 12.53
C ARG A 162 -6.63 -8.23 11.98
N ILE A 163 -5.53 -8.24 12.73
CA ILE A 163 -4.31 -8.93 12.34
C ILE A 163 -4.33 -10.33 12.95
N ARG A 164 -4.11 -11.34 12.11
CA ARG A 164 -4.11 -12.74 12.55
C ARG A 164 -2.71 -13.36 12.55
N HIS A 165 -1.73 -12.61 12.06
CA HIS A 165 -0.35 -13.08 12.04
C HIS A 165 0.15 -13.16 13.47
N PRO A 166 1.19 -13.95 13.73
CA PRO A 166 1.73 -14.05 15.09
C PRO A 166 2.29 -12.68 15.45
N GLN A 167 2.21 -12.29 16.72
CA GLN A 167 2.69 -10.96 17.11
C GLN A 167 4.15 -10.67 16.73
N GLU A 168 4.98 -11.70 16.66
CA GLU A 168 6.38 -11.50 16.32
C GLU A 168 6.56 -10.96 14.89
N GLN A 169 5.51 -11.09 14.08
CA GLN A 169 5.57 -10.62 12.70
C GLN A 169 4.86 -9.29 12.46
N LEU A 170 4.41 -8.64 13.52
CA LEU A 170 3.68 -7.37 13.39
C LEU A 170 4.32 -6.33 12.49
N ALA A 171 5.61 -6.07 12.69
CA ALA A 171 6.30 -5.06 11.89
C ALA A 171 6.28 -5.38 10.40
N ALA A 172 6.47 -6.64 10.07
CA ALA A 172 6.48 -7.07 8.67
C ALA A 172 5.09 -7.07 8.05
N VAL A 173 4.07 -7.04 8.89
CA VAL A 173 2.68 -7.00 8.43
C VAL A 173 2.27 -5.57 8.05
N ALA A 174 2.89 -4.59 8.70
CA ALA A 174 2.58 -3.19 8.49
C ALA A 174 2.40 -2.76 7.02
N PRO A 175 3.39 -3.02 6.15
CA PRO A 175 3.27 -2.62 4.74
C PRO A 175 2.07 -3.21 3.99
N LEU A 176 1.49 -4.29 4.52
CA LEU A 176 0.35 -4.90 3.87
C LEU A 176 -0.83 -3.94 3.83
N LEU A 177 -0.91 -3.06 4.82
CA LEU A 177 -2.01 -2.10 4.91
C LEU A 177 -2.16 -1.11 3.76
N CYS A 178 -1.11 -0.97 2.95
CA CYS A 178 -1.20 -0.10 1.77
C CYS A 178 -0.53 -0.79 0.59
N ALA A 179 0.79 -0.97 0.67
CA ALA A 179 1.51 -1.62 -0.42
C ALA A 179 0.86 -2.96 -0.74
N GLY A 180 0.50 -3.70 0.31
CA GLY A 180 -0.12 -4.99 0.11
C GLY A 180 -1.47 -4.93 -0.59
N ILE A 181 -2.42 -4.23 -0.01
CA ILE A 181 -3.74 -4.15 -0.61
C ILE A 181 -3.73 -3.48 -1.99
N THR A 182 -2.84 -2.53 -2.18
CA THR A 182 -2.75 -1.83 -3.48
C THR A 182 -2.47 -2.82 -4.61
N THR A 183 -1.75 -3.89 -4.32
CA THR A 183 -1.44 -4.88 -5.35
C THR A 183 -2.42 -6.06 -5.26
N TYR A 184 -2.84 -6.41 -4.05
CA TYR A 184 -3.77 -7.51 -3.85
C TYR A 184 -5.10 -7.24 -4.54
N SER A 185 -5.62 -6.03 -4.36
CA SER A 185 -6.91 -5.69 -4.95
C SER A 185 -7.02 -5.89 -6.46
N PRO A 186 -6.07 -5.32 -7.25
CA PRO A 186 -6.16 -5.51 -8.69
C PRO A 186 -5.88 -6.95 -9.11
N LEU A 187 -5.02 -7.64 -8.36
CA LEU A 187 -4.73 -9.04 -8.70
C LEU A 187 -6.02 -9.83 -8.57
N ARG A 188 -6.80 -9.54 -7.54
CA ARG A 188 -8.07 -10.23 -7.35
C ARG A 188 -9.10 -9.77 -8.37
N HIS A 189 -9.17 -8.45 -8.59
CA HIS A 189 -10.15 -7.92 -9.54
C HIS A 189 -9.99 -8.48 -10.94
N TRP A 190 -8.73 -8.62 -11.39
CA TRP A 190 -8.49 -9.15 -12.72
C TRP A 190 -8.22 -10.66 -12.68
N GLN A 191 -8.69 -11.26 -11.59
CA GLN A 191 -8.64 -12.71 -11.36
C GLN A 191 -7.33 -13.45 -11.55
N ALA A 192 -6.26 -12.97 -10.94
CA ALA A 192 -4.97 -13.64 -11.04
C ALA A 192 -5.10 -14.98 -10.31
N GLY A 193 -4.54 -16.03 -10.86
CA GLY A 193 -4.63 -17.33 -10.21
C GLY A 193 -4.09 -18.45 -11.08
N PRO A 194 -4.28 -19.71 -10.70
CA PRO A 194 -3.77 -20.83 -11.51
C PRO A 194 -4.24 -20.72 -12.97
N GLY A 195 -3.35 -20.99 -13.90
CA GLY A 195 -3.71 -20.92 -15.31
C GLY A 195 -3.59 -19.55 -15.93
N LYS A 196 -3.25 -18.55 -15.13
CA LYS A 196 -3.12 -17.18 -15.61
C LYS A 196 -1.65 -16.77 -15.63
N LYS A 197 -1.25 -16.06 -16.67
CA LYS A 197 0.12 -15.57 -16.76
C LYS A 197 0.05 -14.11 -16.37
N VAL A 198 0.66 -13.78 -15.24
CA VAL A 198 0.62 -12.42 -14.72
C VAL A 198 1.97 -11.75 -14.65
N GLY A 199 2.03 -10.50 -15.10
CA GLY A 199 3.27 -9.77 -15.06
C GLY A 199 3.23 -8.72 -13.97
N VAL A 200 4.39 -8.47 -13.37
CA VAL A 200 4.50 -7.46 -12.33
C VAL A 200 5.67 -6.59 -12.76
N VAL A 201 5.40 -5.31 -13.00
CA VAL A 201 6.44 -4.39 -13.43
C VAL A 201 6.92 -3.58 -12.24
N GLY A 202 8.23 -3.64 -11.99
CA GLY A 202 8.80 -2.89 -10.88
C GLY A 202 9.13 -3.80 -9.72
N ILE A 203 10.31 -3.60 -9.13
CA ILE A 203 10.73 -4.43 -8.00
C ILE A 203 11.00 -3.55 -6.77
N GLY A 204 10.06 -2.69 -6.45
CA GLY A 204 10.19 -1.82 -5.29
C GLY A 204 9.23 -2.25 -4.20
N GLY A 205 8.80 -1.31 -3.36
CA GLY A 205 7.87 -1.63 -2.29
C GLY A 205 6.61 -2.30 -2.79
N LEU A 206 5.98 -1.71 -3.80
CA LEU A 206 4.76 -2.25 -4.38
C LEU A 206 5.07 -3.51 -5.18
N GLY A 207 6.11 -3.44 -5.99
CA GLY A 207 6.48 -4.57 -6.81
C GLY A 207 6.77 -5.85 -6.04
N HIS A 208 7.51 -5.75 -4.94
CA HIS A 208 7.83 -6.95 -4.18
C HIS A 208 6.58 -7.59 -3.60
N MET A 209 5.58 -6.78 -3.26
CA MET A 209 4.33 -7.34 -2.73
C MET A 209 3.52 -7.95 -3.87
N GLY A 210 3.58 -7.33 -5.04
CA GLY A 210 2.84 -7.84 -6.18
C GLY A 210 3.33 -9.22 -6.57
N ILE A 211 4.65 -9.41 -6.53
CA ILE A 211 5.23 -10.70 -6.86
C ILE A 211 4.85 -11.74 -5.80
N LYS A 212 5.05 -11.40 -4.53
CA LYS A 212 4.71 -12.30 -3.44
C LYS A 212 3.25 -12.75 -3.52
N LEU A 213 2.36 -11.79 -3.71
CA LEU A 213 0.94 -12.09 -3.75
C LEU A 213 0.49 -12.84 -5.00
N ALA A 214 0.98 -12.42 -6.16
CA ALA A 214 0.60 -13.09 -7.41
C ALA A 214 1.07 -14.54 -7.35
N HIS A 215 2.24 -14.75 -6.75
CA HIS A 215 2.79 -16.10 -6.63
C HIS A 215 1.91 -16.92 -5.69
N ALA A 216 1.54 -16.33 -4.56
CA ALA A 216 0.72 -17.02 -3.57
C ALA A 216 -0.66 -17.35 -4.12
N MET A 217 -1.15 -16.54 -5.04
CA MET A 217 -2.45 -16.76 -5.66
C MET A 217 -2.41 -17.89 -6.68
N GLY A 218 -1.21 -18.35 -6.99
CA GLY A 218 -1.06 -19.46 -7.92
C GLY A 218 -0.86 -19.12 -9.38
N ALA A 219 -0.65 -17.85 -9.71
CA ALA A 219 -0.43 -17.47 -11.10
C ALA A 219 1.01 -17.73 -11.51
N HIS A 220 1.25 -17.77 -12.82
CA HIS A 220 2.60 -17.93 -13.33
C HIS A 220 3.04 -16.48 -13.38
N VAL A 221 4.03 -16.13 -12.57
CA VAL A 221 4.48 -14.74 -12.47
C VAL A 221 5.76 -14.36 -13.19
N VAL A 222 5.69 -13.29 -13.98
CA VAL A 222 6.85 -12.79 -14.69
C VAL A 222 7.11 -11.37 -14.15
N ALA A 223 8.29 -11.18 -13.59
CA ALA A 223 8.66 -9.87 -13.06
C ALA A 223 9.47 -9.12 -14.09
N PHE A 224 9.23 -7.82 -14.20
CA PHE A 224 9.94 -6.97 -15.14
C PHE A 224 10.77 -5.93 -14.41
N THR A 225 12.04 -5.82 -14.79
CA THR A 225 12.94 -4.84 -14.19
C THR A 225 13.65 -4.10 -15.31
N THR A 226 14.25 -2.95 -15.00
CA THR A 226 14.95 -2.17 -16.01
C THR A 226 16.46 -2.32 -15.87
N SER A 227 16.89 -3.16 -14.93
CA SER A 227 18.32 -3.39 -14.70
C SER A 227 18.60 -4.84 -14.32
N GLU A 228 19.75 -5.34 -14.76
CA GLU A 228 20.14 -6.72 -14.48
C GLU A 228 20.39 -6.93 -12.98
N ALA A 229 20.68 -5.84 -12.29
CA ALA A 229 20.97 -5.90 -10.86
C ALA A 229 19.88 -6.51 -10.00
N LYS A 230 18.62 -6.32 -10.38
CA LYS A 230 17.52 -6.84 -9.59
C LYS A 230 16.92 -8.15 -10.09
N ARG A 231 17.56 -8.76 -11.09
CA ARG A 231 17.05 -10.01 -11.63
C ARG A 231 17.00 -11.13 -10.60
N GLU A 232 18.10 -11.35 -9.88
CA GLU A 232 18.12 -12.40 -8.88
C GLU A 232 17.14 -12.09 -7.75
N ALA A 233 17.04 -10.82 -7.39
CA ALA A 233 16.13 -10.39 -6.34
C ALA A 233 14.69 -10.73 -6.67
N ALA A 234 14.31 -10.54 -7.94
CA ALA A 234 12.95 -10.83 -8.39
C ALA A 234 12.67 -12.32 -8.28
N LYS A 235 13.65 -13.13 -8.65
CA LYS A 235 13.54 -14.58 -8.56
C LYS A 235 13.29 -14.97 -7.12
N ALA A 236 14.10 -14.41 -6.22
CA ALA A 236 14.00 -14.68 -4.79
C ALA A 236 12.64 -14.34 -4.20
N LEU A 237 11.97 -13.34 -4.77
CA LEU A 237 10.65 -12.92 -4.30
C LEU A 237 9.54 -13.87 -4.71
N GLY A 238 9.80 -14.72 -5.69
CA GLY A 238 8.80 -15.67 -6.13
C GLY A 238 8.43 -15.61 -7.60
N ALA A 239 9.14 -14.80 -8.37
CA ALA A 239 8.86 -14.69 -9.79
C ALA A 239 9.32 -15.98 -10.47
N ASP A 240 8.48 -16.52 -11.35
CA ASP A 240 8.83 -17.74 -12.07
C ASP A 240 9.79 -17.41 -13.19
N GLU A 241 9.65 -16.18 -13.73
CA GLU A 241 10.50 -15.70 -14.80
C GLU A 241 10.78 -14.23 -14.56
N VAL A 242 11.90 -13.75 -15.09
CA VAL A 242 12.26 -12.34 -14.96
C VAL A 242 12.68 -11.81 -16.32
N VAL A 243 12.24 -10.60 -16.62
CA VAL A 243 12.57 -9.97 -17.89
C VAL A 243 13.13 -8.56 -17.66
N ASN A 244 14.22 -8.25 -18.37
CA ASN A 244 14.80 -6.92 -18.29
C ASN A 244 14.07 -6.21 -19.42
N SER A 245 13.14 -5.31 -19.06
CA SER A 245 12.34 -4.62 -20.06
C SER A 245 13.14 -3.78 -21.05
N ARG A 246 14.43 -3.59 -20.80
CA ARG A 246 15.27 -2.83 -21.70
C ARG A 246 15.87 -3.71 -22.81
N ASN A 247 15.67 -5.02 -22.69
CA ASN A 247 16.18 -5.94 -23.70
C ASN A 247 15.04 -6.43 -24.59
N ALA A 248 15.00 -5.88 -25.79
CA ALA A 248 13.96 -6.20 -26.77
C ALA A 248 13.78 -7.69 -27.00
N ASP A 249 14.87 -8.44 -27.00
CA ASP A 249 14.79 -9.87 -27.21
C ASP A 249 14.03 -10.56 -26.09
N GLU A 250 14.29 -10.16 -24.84
CA GLU A 250 13.60 -10.74 -23.71
C GLU A 250 12.11 -10.40 -23.75
N MET A 251 11.79 -9.16 -24.10
CA MET A 251 10.39 -8.73 -24.18
C MET A 251 9.64 -9.47 -25.29
N ALA A 252 10.27 -9.58 -26.46
CA ALA A 252 9.66 -10.24 -27.60
C ALA A 252 9.24 -11.68 -27.32
N ALA A 253 9.95 -12.35 -26.42
CA ALA A 253 9.65 -13.73 -26.08
C ALA A 253 8.31 -13.89 -25.36
N HIS A 254 7.72 -12.77 -24.94
CA HIS A 254 6.44 -12.81 -24.23
C HIS A 254 5.32 -12.08 -24.96
N LEU A 255 5.50 -11.86 -26.26
CA LEU A 255 4.50 -11.18 -27.06
C LEU A 255 3.12 -11.84 -26.93
N LYS A 256 2.08 -11.00 -26.79
CA LYS A 256 0.70 -11.48 -26.67
C LYS A 256 0.54 -12.71 -25.79
N SER A 257 1.09 -12.69 -24.59
CA SER A 257 0.99 -13.87 -23.72
C SER A 257 0.44 -13.64 -22.31
N PHE A 258 0.30 -12.37 -21.92
CA PHE A 258 -0.19 -12.07 -20.58
C PHE A 258 -1.68 -11.86 -20.44
N ASP A 259 -2.24 -12.45 -19.38
CA ASP A 259 -3.67 -12.29 -19.11
C ASP A 259 -3.83 -10.96 -18.41
N PHE A 260 -2.87 -10.65 -17.56
CA PHE A 260 -2.91 -9.42 -16.77
C PHE A 260 -1.51 -8.93 -16.43
N ILE A 261 -1.31 -7.63 -16.45
CA ILE A 261 -0.02 -7.06 -16.08
C ILE A 261 -0.25 -5.97 -15.06
N LEU A 262 0.40 -6.11 -13.91
CA LEU A 262 0.29 -5.12 -12.83
C LEU A 262 1.54 -4.24 -12.89
N ASN A 263 1.37 -2.99 -13.27
CA ASN A 263 2.52 -2.09 -13.37
C ASN A 263 2.59 -1.21 -12.12
N THR A 264 3.63 -1.41 -11.32
CA THR A 264 3.80 -0.67 -10.07
C THR A 264 4.83 0.47 -10.11
N VAL A 265 5.46 0.66 -11.26
CA VAL A 265 6.47 1.72 -11.38
C VAL A 265 5.84 3.10 -11.24
N ALA A 266 6.52 3.97 -10.47
CA ALA A 266 6.04 5.33 -10.23
C ALA A 266 5.90 6.10 -11.54
N ALA A 267 6.96 6.14 -12.33
CA ALA A 267 6.95 6.83 -13.61
C ALA A 267 7.12 5.79 -14.69
N PRO A 268 6.07 5.01 -14.99
CA PRO A 268 6.11 3.97 -16.01
C PRO A 268 6.44 4.47 -17.41
N HIS A 269 7.38 3.81 -18.06
CA HIS A 269 7.78 4.17 -19.41
C HIS A 269 7.56 2.98 -20.34
N ASN A 270 7.61 3.25 -21.64
CA ASN A 270 7.43 2.21 -22.64
C ASN A 270 6.18 1.36 -22.44
N LEU A 271 5.07 2.02 -22.13
CA LEU A 271 3.81 1.30 -21.92
C LEU A 271 3.38 0.60 -23.20
N ASP A 272 3.90 1.08 -24.33
CA ASP A 272 3.57 0.48 -25.62
C ASP A 272 4.14 -0.94 -25.66
N ASP A 273 5.36 -1.10 -25.19
CA ASP A 273 6.01 -2.41 -25.17
C ASP A 273 5.21 -3.40 -24.33
N PHE A 274 4.70 -2.95 -23.19
CA PHE A 274 3.92 -3.82 -22.32
C PHE A 274 2.55 -4.15 -22.88
N THR A 275 1.92 -3.19 -23.53
CA THR A 275 0.59 -3.43 -24.10
C THR A 275 0.65 -4.57 -25.11
N THR A 276 1.73 -4.63 -25.89
CA THR A 276 1.87 -5.69 -26.89
C THR A 276 2.10 -7.06 -26.27
N LEU A 277 2.39 -7.09 -24.97
CA LEU A 277 2.61 -8.36 -24.27
C LEU A 277 1.30 -8.97 -23.76
N LEU A 278 0.22 -8.19 -23.86
CA LEU A 278 -1.09 -8.65 -23.40
C LEU A 278 -1.84 -9.51 -24.42
N LYS A 279 -2.53 -10.52 -23.93
CA LYS A 279 -3.33 -11.39 -24.80
C LYS A 279 -4.57 -10.59 -25.17
N ARG A 280 -5.36 -11.13 -26.09
CA ARG A 280 -6.60 -10.48 -26.50
C ARG A 280 -7.45 -10.37 -25.24
N ASP A 281 -8.10 -9.22 -25.07
CA ASP A 281 -8.93 -8.93 -23.92
C ASP A 281 -8.14 -8.81 -22.62
N GLY A 282 -6.82 -8.68 -22.75
CA GLY A 282 -5.96 -8.54 -21.59
C GLY A 282 -5.92 -7.11 -21.08
N THR A 283 -5.51 -6.93 -19.84
CA THR A 283 -5.46 -5.60 -19.26
C THR A 283 -4.16 -5.36 -18.49
N MET A 284 -3.67 -4.13 -18.56
CA MET A 284 -2.50 -3.76 -17.77
C MET A 284 -3.03 -2.68 -16.85
N THR A 285 -2.89 -2.88 -15.55
CA THR A 285 -3.38 -1.92 -14.58
C THR A 285 -2.22 -1.23 -13.88
N LEU A 286 -2.29 0.09 -13.82
CA LEU A 286 -1.24 0.88 -13.18
C LEU A 286 -1.63 1.21 -11.73
N VAL A 287 -0.69 1.07 -10.81
CA VAL A 287 -0.96 1.38 -9.40
C VAL A 287 0.12 2.27 -8.79
N GLY A 288 1.19 2.50 -9.53
CA GLY A 288 2.25 3.36 -9.02
C GLY A 288 1.81 4.82 -8.92
N ALA A 289 2.52 5.60 -8.11
CA ALA A 289 2.19 7.02 -7.93
C ALA A 289 2.26 7.78 -9.26
N PRO A 297 0.92 5.49 -24.99
CA PRO A 297 0.18 4.26 -25.28
C PRO A 297 -0.48 4.27 -26.66
N GLU A 298 0.18 3.63 -27.62
CA GLU A 298 -0.31 3.54 -28.99
C GLU A 298 -1.70 2.91 -29.03
N VAL A 299 -2.69 3.70 -29.43
CA VAL A 299 -4.07 3.22 -29.50
C VAL A 299 -4.18 1.99 -30.38
N PHE A 300 -3.37 1.94 -31.43
CA PHE A 300 -3.36 0.81 -32.36
C PHE A 300 -3.27 -0.53 -31.63
N ASN A 301 -2.38 -0.61 -30.65
CA ASN A 301 -2.19 -1.84 -29.90
C ASN A 301 -3.37 -2.20 -29.02
N LEU A 302 -4.16 -1.20 -28.60
CA LEU A 302 -5.33 -1.49 -27.77
C LEU A 302 -6.44 -2.01 -28.68
N ILE A 303 -6.61 -1.37 -29.82
CA ILE A 303 -7.64 -1.74 -30.78
C ILE A 303 -7.47 -3.13 -31.39
N MET A 304 -6.27 -3.43 -31.86
CA MET A 304 -5.98 -4.71 -32.50
C MET A 304 -6.31 -5.97 -31.71
N LYS A 305 -6.34 -5.88 -30.38
CA LYS A 305 -6.63 -7.06 -29.57
C LYS A 305 -7.61 -6.80 -28.43
N ARG A 306 -8.35 -5.70 -28.53
CA ARG A 306 -9.31 -5.32 -27.50
C ARG A 306 -8.67 -5.38 -26.12
N ARG A 307 -7.53 -4.71 -25.99
CA ARG A 307 -6.80 -4.65 -24.74
C ARG A 307 -7.21 -3.39 -24.02
N ALA A 308 -6.83 -3.29 -22.74
CA ALA A 308 -7.17 -2.12 -21.96
C ALA A 308 -6.08 -1.75 -20.98
N ILE A 309 -6.04 -0.47 -20.63
CA ILE A 309 -5.12 0.04 -19.64
C ILE A 309 -6.05 0.59 -18.56
N ALA A 310 -5.84 0.18 -17.32
CA ALA A 310 -6.69 0.62 -16.23
C ALA A 310 -5.85 1.10 -15.06
N GLY A 311 -6.54 1.60 -14.05
CA GLY A 311 -5.86 2.07 -12.86
C GLY A 311 -6.56 1.47 -11.66
N SER A 312 -5.92 1.53 -10.50
CA SER A 312 -6.52 1.00 -9.28
C SER A 312 -5.79 1.60 -8.10
N MET A 313 -6.50 1.84 -7.00
CA MET A 313 -5.83 2.36 -5.82
C MET A 313 -6.32 1.63 -4.57
N ILE A 314 -5.36 1.26 -3.72
CA ILE A 314 -5.61 0.53 -2.49
C ILE A 314 -6.74 -0.49 -2.63
N GLY A 315 -7.62 -0.54 -1.64
CA GLY A 315 -8.74 -1.46 -1.69
C GLY A 315 -9.75 -1.08 -0.61
N GLY A 316 -10.96 -1.62 -0.71
CA GLY A 316 -11.97 -1.32 0.28
C GLY A 316 -11.63 -2.04 1.57
N ILE A 317 -12.38 -1.78 2.64
CA ILE A 317 -12.06 -2.43 3.91
C ILE A 317 -12.27 -3.94 3.88
N PRO A 318 -13.44 -4.41 3.39
CA PRO A 318 -13.65 -5.86 3.36
C PRO A 318 -12.52 -6.63 2.67
N GLU A 319 -12.05 -6.12 1.54
CA GLU A 319 -10.97 -6.82 0.84
C GLU A 319 -9.65 -6.70 1.58
N THR A 320 -9.43 -5.59 2.27
CA THR A 320 -8.21 -5.42 3.03
C THR A 320 -8.19 -6.48 4.13
N GLN A 321 -9.35 -6.75 4.71
CA GLN A 321 -9.44 -7.77 5.75
C GLN A 321 -9.20 -9.15 5.14
N GLU A 322 -9.77 -9.39 3.97
CA GLU A 322 -9.61 -10.66 3.28
C GLU A 322 -8.12 -10.89 3.01
N MET A 323 -7.46 -9.84 2.56
CA MET A 323 -6.03 -9.91 2.26
C MET A 323 -5.23 -10.28 3.51
N LEU A 324 -5.52 -9.63 4.62
CA LEU A 324 -4.81 -9.90 5.85
C LEU A 324 -5.01 -11.35 6.30
N ASP A 325 -6.23 -11.86 6.17
CA ASP A 325 -6.53 -13.24 6.55
C ASP A 325 -5.75 -14.20 5.64
N PHE A 326 -5.79 -13.92 4.35
CA PHE A 326 -5.08 -14.72 3.33
C PHE A 326 -3.59 -14.73 3.64
N CYS A 327 -3.02 -13.56 3.91
CA CYS A 327 -1.60 -13.47 4.22
C CYS A 327 -1.25 -14.19 5.52
N ALA A 328 -2.15 -14.14 6.49
CA ALA A 328 -1.89 -14.81 7.77
C ALA A 328 -1.86 -16.32 7.56
N GLU A 329 -2.83 -16.83 6.80
CA GLU A 329 -2.89 -18.27 6.56
C GLU A 329 -1.74 -18.77 5.71
N HIS A 330 -1.20 -17.92 4.84
CA HIS A 330 -0.10 -18.30 3.98
C HIS A 330 1.27 -17.86 4.46
N GLY A 331 1.32 -17.18 5.60
CA GLY A 331 2.59 -16.72 6.14
C GLY A 331 3.27 -15.67 5.30
N ILE A 332 2.47 -14.84 4.65
CA ILE A 332 2.99 -13.79 3.80
C ILE A 332 3.15 -12.47 4.55
N VAL A 333 4.34 -11.89 4.45
CA VAL A 333 4.64 -10.60 5.09
C VAL A 333 5.56 -9.84 4.14
N ALA A 334 5.76 -8.57 4.43
CA ALA A 334 6.62 -7.75 3.60
C ALA A 334 8.07 -7.93 4.07
N ASP A 335 9.02 -7.68 3.17
CA ASP A 335 10.44 -7.77 3.53
C ASP A 335 10.73 -6.34 3.97
N ILE A 336 11.14 -6.17 5.22
CA ILE A 336 11.35 -4.83 5.74
C ILE A 336 12.70 -4.50 6.35
N GLU A 337 12.90 -3.21 6.59
CA GLU A 337 14.09 -2.71 7.24
C GLU A 337 13.54 -1.78 8.31
N MET A 338 13.70 -2.16 9.57
CA MET A 338 13.20 -1.36 10.68
C MET A 338 14.07 -0.13 10.92
N ILE A 339 13.43 1.01 11.16
CA ILE A 339 14.16 2.25 11.41
C ILE A 339 13.57 2.98 12.60
N ARG A 340 14.31 3.96 13.12
CA ARG A 340 13.84 4.76 14.23
C ARG A 340 12.96 5.87 13.64
N ALA A 341 12.11 6.46 14.46
CA ALA A 341 11.23 7.51 13.99
C ALA A 341 12.01 8.74 13.53
N ASP A 342 13.21 8.93 14.05
CA ASP A 342 14.02 10.09 13.66
C ASP A 342 14.88 9.84 12.42
N GLN A 343 14.68 8.70 11.77
CA GLN A 343 15.45 8.34 10.59
C GLN A 343 14.60 8.37 9.32
N ILE A 344 13.38 8.87 9.43
CA ILE A 344 12.49 8.89 8.28
C ILE A 344 12.99 9.74 7.11
N ASN A 345 13.60 10.89 7.40
CA ASN A 345 14.10 11.73 6.33
C ASN A 345 15.16 11.00 5.51
N GLU A 346 16.06 10.30 6.20
CA GLU A 346 17.11 9.54 5.53
C GLU A 346 16.47 8.38 4.75
N ALA A 347 15.40 7.84 5.31
CA ALA A 347 14.69 6.73 4.66
C ALA A 347 14.11 7.20 3.33
N TYR A 348 13.53 8.40 3.30
CA TYR A 348 12.97 8.91 2.06
C TYR A 348 14.03 8.97 0.98
N GLU A 349 15.20 9.50 1.33
CA GLU A 349 16.30 9.62 0.39
C GLU A 349 16.63 8.27 -0.25
N ARG A 350 16.73 7.25 0.57
CA ARG A 350 17.03 5.91 0.08
C ARG A 350 15.91 5.35 -0.78
N MET A 351 14.67 5.64 -0.39
CA MET A 351 13.51 5.17 -1.16
C MET A 351 13.54 5.69 -2.59
N LEU A 352 13.95 6.94 -2.74
CA LEU A 352 14.03 7.57 -4.05
C LEU A 352 15.07 6.91 -4.94
N ARG A 353 16.02 6.20 -4.33
CA ARG A 353 17.07 5.53 -5.07
C ARG A 353 16.78 4.04 -5.14
N GLY A 354 15.66 3.63 -4.54
CA GLY A 354 15.30 2.22 -4.53
C GLY A 354 16.30 1.44 -3.70
N ASP A 355 16.90 2.11 -2.73
CA ASP A 355 17.89 1.49 -1.86
C ASP A 355 17.30 0.91 -0.58
N VAL A 356 16.34 0.01 -0.74
CA VAL A 356 15.70 -0.65 0.40
C VAL A 356 15.09 -1.96 -0.10
N LYS A 357 15.13 -2.99 0.75
CA LYS A 357 14.60 -4.29 0.39
C LYS A 357 13.59 -4.82 1.40
N TYR A 358 12.32 -4.42 1.26
CA TYR A 358 11.88 -3.52 0.21
C TYR A 358 10.97 -2.45 0.76
N ARG A 359 10.85 -2.41 2.08
CA ARG A 359 9.98 -1.45 2.73
C ARG A 359 10.54 -1.02 4.07
N PHE A 360 10.56 0.28 4.33
CA PHE A 360 11.03 0.77 5.61
C PHE A 360 9.83 0.72 6.55
N VAL A 361 10.08 0.34 7.80
CA VAL A 361 9.02 0.29 8.81
C VAL A 361 9.54 0.95 10.07
N ILE A 362 8.80 1.96 10.53
CA ILE A 362 9.16 2.69 11.74
C ILE A 362 8.81 1.93 13.01
N ASP A 363 9.75 1.93 13.95
CA ASP A 363 9.55 1.28 15.25
C ASP A 363 9.00 2.45 16.07
N ASN A 364 7.67 2.56 16.14
CA ASN A 364 7.06 3.69 16.85
C ASN A 364 7.42 3.84 18.32
N ARG A 365 7.93 2.78 18.93
CA ARG A 365 8.33 2.86 20.32
C ARG A 365 9.47 3.89 20.46
N THR A 366 10.23 4.06 19.38
CA THR A 366 11.35 5.00 19.39
C THR A 366 10.94 6.47 19.39
N LEU A 367 9.63 6.73 19.39
CA LEU A 367 9.14 8.10 19.43
C LEU A 367 9.48 8.72 20.78
N THR A 368 9.64 7.87 21.79
CA THR A 368 9.98 8.31 23.13
C THR A 368 11.38 7.84 23.49
N ASP A 369 11.65 6.63 23.39
ZN ZN B . -19.30 6.79 0.26
ZN ZN C . 0.43 4.35 0.70
#